data_7FMX
#
_entry.id   7FMX
#
_cell.length_a   89.054
_cell.length_b   82.31
_cell.length_c   94.064
_cell.angle_alpha   90
_cell.angle_beta   108.71
_cell.angle_gamma   90
#
_symmetry.space_group_name_H-M   'C 1 2 1'
#
loop_
_entity.id
_entity.type
_entity.pdbx_description
1 polymer 'Pre-mRNA-splicing factor 8'
2 polymer 'A1 cistron-splicing factor AAR2'
3 non-polymer '3-phenyl-1,2-oxazole-5-carboxylic acid'
4 water water
#
loop_
_entity_poly.entity_id
_entity_poly.type
_entity_poly.pdbx_seq_one_letter_code
_entity_poly.pdbx_strand_id
1 'polypeptide(L)'
;GAMNSSNYAELFNNDIKLFVDDTNVYRVTVHKTFEGNVATKAINGCIFTLNPKTGHLFLKIIHTSVWAGQKRLSQLAKWK
TAEEVSALVRSLPKEEQPKQIIVTRKAMLDPLEVHMLDFPNIAIRPTELRLPFSAAMSIDKLSDVVMKATEPQMVLFNIY
DDWLDRISSYTAFSRLTLLLRALKTNEESAKMILLSDPTITIKSYHLWPSFTDEQWITIESQMRDLILTEYGRKYNVNIS
ALTQTEIKDIILGQNIKA
;
A
2 'polypeptide(L)'
;GAMAMNTVPFTSAPIEVTIGIDQYSFNVKENQPFHGIKDIPIGHVHVIHFQHADNSSMRYGYWFDCRMGNFYIQYDPKDG
LYKMMEERDGAKFENIVHNFKERQMMVSYPKIDEDDTWYNLTEFVQMDKIRKIVRKDENQFSYVDSSMTTVQENELSSSS
SDPAHSLNYTVINFKSREAIRPGHEMEDFLDKSYYLNTVMLQGIFKNSSNYFGELQFAFLNAMFFGNYGSSLQWHAMIEL
ICSSATVPKHMLDKLDEILYYQIKTLPEQYSDILLNERVWNICLYSSFQKNSLHNTEKIMENKYPELL
;
B
#
loop_
_chem_comp.id
_chem_comp.type
_chem_comp.name
_chem_comp.formula
VTW non-polymer '3-phenyl-1,2-oxazole-5-carboxylic acid' 'C10 H7 N O3'
#
# COMPACT_ATOMS: atom_id res chain seq x y z
N GLY A 1 5.81 2.72 -14.97
CA GLY A 1 5.27 3.89 -14.29
C GLY A 1 4.20 4.58 -15.12
N ALA A 2 4.15 5.91 -15.07
CA ALA A 2 3.15 6.65 -15.81
C ALA A 2 3.56 6.79 -17.29
N MET A 3 2.56 7.10 -18.12
CA MET A 3 2.71 7.20 -19.57
C MET A 3 2.37 8.62 -19.98
N ASN A 4 3.22 9.24 -20.79
CA ASN A 4 3.02 10.66 -21.11
C ASN A 4 3.52 10.94 -22.54
N SER A 5 3.85 12.20 -22.82
CA SER A 5 4.24 12.65 -24.16
C SER A 5 5.71 12.39 -24.47
N SER A 6 6.53 12.16 -23.46
CA SER A 6 7.93 11.83 -23.72
C SER A 6 8.04 10.44 -24.35
N ASN A 7 7.33 9.46 -23.77
CA ASN A 7 7.31 8.08 -24.28
C ASN A 7 6.03 7.77 -25.03
N TYR A 8 5.67 8.61 -26.02
CA TYR A 8 4.41 8.46 -26.75
C TYR A 8 4.51 7.39 -27.84
N ALA A 9 5.65 7.33 -28.52
CA ALA A 9 5.87 6.30 -29.53
C ALA A 9 5.79 4.90 -28.94
N GLU A 10 5.93 4.77 -27.62
CA GLU A 10 5.86 3.44 -27.02
C GLU A 10 4.49 2.79 -27.27
N LEU A 11 3.45 3.58 -27.53
CA LEU A 11 2.13 3.02 -27.76
C LEU A 11 2.06 2.20 -29.02
N PHE A 12 3.01 2.40 -29.95
CA PHE A 12 2.92 1.83 -31.28
C PHE A 12 4.08 0.88 -31.54
N ASN A 13 4.78 0.45 -30.49
CA ASN A 13 5.81 -0.56 -30.64
C ASN A 13 5.13 -1.93 -30.63
N ASN A 14 5.90 -3.02 -30.55
CA ASN A 14 5.37 -4.36 -30.78
C ASN A 14 5.07 -5.11 -29.48
N ASP A 15 5.05 -4.43 -28.34
CA ASP A 15 4.63 -5.00 -27.07
C ASP A 15 3.12 -4.78 -26.94
N ILE A 16 2.37 -5.88 -26.81
CA ILE A 16 0.91 -5.75 -26.75
C ILE A 16 0.51 -4.94 -25.54
N LYS A 17 -0.37 -3.96 -25.74
CA LYS A 17 -0.84 -3.14 -24.64
C LYS A 17 -2.30 -2.76 -24.90
N LEU A 18 -3.02 -2.53 -23.81
CA LEU A 18 -4.41 -2.07 -23.84
C LEU A 18 -4.61 -0.83 -22.97
N PHE A 19 -5.33 0.16 -23.52
CA PHE A 19 -5.94 1.22 -22.73
C PHE A 19 -7.27 0.72 -22.15
N VAL A 20 -7.54 1.06 -20.89
CA VAL A 20 -8.85 0.80 -20.26
C VAL A 20 -9.41 2.12 -19.76
N ASP A 21 -10.62 2.47 -20.26
CA ASP A 21 -11.33 3.67 -19.82
C ASP A 21 -12.65 3.21 -19.21
N ASP A 22 -12.89 3.62 -17.97
CA ASP A 22 -14.05 3.25 -17.18
C ASP A 22 -15.11 4.36 -17.08
N THR A 23 -14.93 5.46 -17.81
N THR A 23 -14.95 5.47 -17.83
CA THR A 23 -15.78 6.61 -17.63
CA THR A 23 -15.80 6.64 -17.61
C THR A 23 -17.25 6.26 -17.85
C THR A 23 -17.25 6.44 -18.06
N ASN A 24 -17.53 5.43 -18.86
CA ASN A 24 -18.91 5.15 -19.27
C ASN A 24 -19.47 3.85 -18.68
N VAL A 25 -18.86 3.33 -17.61
CA VAL A 25 -19.34 2.07 -17.04
C VAL A 25 -20.64 2.30 -16.27
N TYR A 26 -20.64 3.29 -15.37
CA TYR A 26 -21.79 3.60 -14.51
C TYR A 26 -22.35 4.93 -14.99
N ARG A 27 -23.51 4.87 -15.62
CA ARG A 27 -24.13 6.03 -16.25
C ARG A 27 -25.51 6.22 -15.69
N VAL A 28 -25.85 7.46 -15.32
CA VAL A 28 -27.15 7.73 -14.71
C VAL A 28 -27.77 9.00 -15.29
N THR A 29 -29.09 9.06 -15.21
CA THR A 29 -29.84 10.30 -15.32
C THR A 29 -30.33 10.68 -13.93
N VAL A 30 -30.34 11.98 -13.64
CA VAL A 30 -30.77 12.50 -12.34
C VAL A 30 -32.12 13.18 -12.53
N HIS A 31 -33.07 12.91 -11.63
CA HIS A 31 -34.42 13.42 -11.80
C HIS A 31 -35.09 13.64 -10.44
N LYS A 32 -36.12 14.49 -10.45
CA LYS A 32 -36.93 14.71 -9.24
C LYS A 32 -37.95 13.58 -9.05
N THR A 33 -38.26 13.31 -7.79
CA THR A 33 -39.29 12.34 -7.42
C THR A 33 -40.61 13.06 -7.14
N PHE A 34 -41.68 12.28 -7.01
CA PHE A 34 -42.99 12.88 -6.76
C PHE A 34 -42.97 13.72 -5.48
N GLU A 35 -42.24 13.26 -4.46
CA GLU A 35 -42.12 13.97 -3.20
C GLU A 35 -41.13 15.13 -3.26
N GLY A 36 -40.56 15.43 -4.43
CA GLY A 36 -39.61 16.52 -4.57
C GLY A 36 -38.19 16.22 -4.14
N ASN A 37 -37.84 14.97 -3.92
CA ASN A 37 -36.48 14.55 -3.67
C ASN A 37 -35.82 14.33 -5.03
N VAL A 38 -34.57 13.89 -5.04
CA VAL A 38 -33.88 13.60 -6.29
C VAL A 38 -33.48 12.13 -6.28
N ALA A 39 -33.57 11.50 -7.44
CA ALA A 39 -33.23 10.10 -7.59
C ALA A 39 -32.42 9.92 -8.86
N THR A 40 -31.58 8.88 -8.88
CA THR A 40 -30.92 8.46 -10.09
C THR A 40 -31.59 7.24 -10.74
N LYS A 41 -31.47 7.19 -12.07
CA LYS A 41 -31.86 6.02 -12.83
C LYS A 41 -30.65 5.61 -13.67
N ALA A 42 -30.15 4.41 -13.46
CA ALA A 42 -29.02 3.98 -14.29
C ALA A 42 -29.46 3.65 -15.71
N ILE A 43 -28.53 3.82 -16.65
CA ILE A 43 -28.68 3.37 -18.02
C ILE A 43 -27.47 2.52 -18.39
N ASN A 44 -27.61 1.75 -19.47
CA ASN A 44 -26.56 0.81 -19.85
C ASN A 44 -25.26 1.58 -20.09
N GLY A 45 -24.15 0.94 -19.72
CA GLY A 45 -22.81 1.51 -19.89
C GLY A 45 -21.89 0.56 -20.63
N CYS A 46 -20.61 0.90 -20.62
CA CYS A 46 -19.66 0.06 -21.33
C CYS A 46 -18.26 0.30 -20.78
N ILE A 47 -17.42 -0.74 -20.86
CA ILE A 47 -15.97 -0.62 -20.66
C ILE A 47 -15.34 -0.47 -22.04
N PHE A 48 -14.40 0.49 -22.16
CA PHE A 48 -13.69 0.81 -23.42
C PHE A 48 -12.28 0.29 -23.23
N THR A 49 -11.95 -0.83 -23.87
CA THR A 49 -10.65 -1.49 -23.77
C THR A 49 -10.08 -1.51 -25.19
N LEU A 50 -9.00 -0.77 -25.42
CA LEU A 50 -8.51 -0.54 -26.77
C LEU A 50 -7.03 -0.90 -26.92
N ASN A 51 -6.69 -1.64 -28.01
CA ASN A 51 -5.29 -1.82 -28.43
C ASN A 51 -4.93 -0.69 -29.39
N PRO A 52 -4.02 0.24 -29.00
CA PRO A 52 -3.79 1.42 -29.84
C PRO A 52 -2.97 1.11 -31.08
N LYS A 53 -2.33 -0.05 -31.10
CA LYS A 53 -1.54 -0.40 -32.28
C LYS A 53 -2.41 -1.00 -33.38
N THR A 54 -3.38 -1.87 -33.03
CA THR A 54 -4.18 -2.57 -34.00
C THR A 54 -5.58 -1.98 -34.20
N GLY A 55 -6.06 -1.18 -33.25
CA GLY A 55 -7.41 -0.65 -33.33
C GLY A 55 -8.45 -1.55 -32.75
N HIS A 56 -8.07 -2.72 -32.27
CA HIS A 56 -9.05 -3.65 -31.72
C HIS A 56 -9.62 -3.08 -30.44
N LEU A 57 -10.96 -3.01 -30.39
CA LEU A 57 -11.74 -2.48 -29.29
C LEU A 57 -12.58 -3.62 -28.72
N PHE A 58 -12.37 -3.93 -27.45
CA PHE A 58 -13.17 -4.89 -26.72
C PHE A 58 -14.20 -4.08 -25.95
N LEU A 59 -15.42 -3.95 -26.48
CA LEU A 59 -16.46 -3.15 -25.80
C LEU A 59 -17.33 -4.08 -24.97
N LYS A 60 -17.12 -4.09 -23.65
CA LYS A 60 -17.97 -4.88 -22.76
C LYS A 60 -19.14 -3.99 -22.36
N ILE A 61 -20.36 -4.44 -22.71
CA ILE A 61 -21.55 -3.69 -22.40
C ILE A 61 -21.96 -4.05 -20.97
N ILE A 62 -22.21 -3.01 -20.16
CA ILE A 62 -22.56 -3.13 -18.75
C ILE A 62 -24.07 -2.90 -18.66
N HIS A 63 -24.84 -3.97 -18.43
CA HIS A 63 -26.26 -3.83 -18.41
C HIS A 63 -26.73 -3.39 -17.02
N THR A 64 -27.80 -2.59 -16.96
CA THR A 64 -28.18 -1.99 -15.69
C THR A 64 -28.50 -3.02 -14.61
N SER A 65 -28.78 -4.26 -15.01
CA SER A 65 -29.05 -5.28 -14.02
C SER A 65 -27.86 -5.56 -13.12
N VAL A 66 -26.64 -5.24 -13.54
N VAL A 66 -26.65 -5.22 -13.58
CA VAL A 66 -25.51 -5.50 -12.66
CA VAL A 66 -25.45 -5.38 -12.75
C VAL A 66 -25.54 -4.60 -11.43
C VAL A 66 -25.61 -4.64 -11.42
N TRP A 67 -26.30 -3.50 -11.45
CA TRP A 67 -26.36 -2.62 -10.32
C TRP A 67 -27.48 -2.94 -9.35
N ALA A 68 -28.35 -3.87 -9.70
CA ALA A 68 -29.57 -4.08 -8.92
C ALA A 68 -29.24 -4.52 -7.50
N GLY A 69 -29.71 -3.74 -6.54
CA GLY A 69 -29.55 -4.08 -5.14
C GLY A 69 -28.17 -3.92 -4.60
N GLN A 70 -27.30 -3.28 -5.36
CA GLN A 70 -25.94 -2.99 -4.91
C GLN A 70 -25.84 -1.60 -4.33
N LYS A 71 -24.86 -1.41 -3.45
CA LYS A 71 -24.56 -0.14 -2.79
C LYS A 71 -23.25 0.43 -3.34
N ARG A 72 -23.05 1.72 -3.07
CA ARG A 72 -21.83 2.45 -3.42
C ARG A 72 -21.42 2.19 -4.87
N LEU A 73 -22.32 2.56 -5.79
CA LEU A 73 -22.16 2.10 -7.17
C LEU A 73 -20.94 2.71 -7.84
N SER A 74 -20.57 3.95 -7.50
CA SER A 74 -19.41 4.51 -8.17
C SER A 74 -18.15 3.74 -7.81
N GLN A 75 -18.04 3.29 -6.56
CA GLN A 75 -16.92 2.43 -6.15
C GLN A 75 -17.02 1.05 -6.78
N LEU A 76 -18.21 0.45 -6.75
CA LEU A 76 -18.38 -0.87 -7.33
C LEU A 76 -18.00 -0.90 -8.81
N ALA A 77 -18.31 0.17 -9.54
CA ALA A 77 -18.05 0.24 -10.97
C ALA A 77 -16.59 0.06 -11.28
N LYS A 78 -15.72 0.59 -10.41
CA LYS A 78 -14.30 0.42 -10.69
C LYS A 78 -13.89 -1.03 -10.54
N TRP A 79 -14.42 -1.72 -9.52
CA TRP A 79 -14.08 -3.10 -9.26
C TRP A 79 -14.70 -4.02 -10.29
N LYS A 80 -15.93 -3.73 -10.73
CA LYS A 80 -16.53 -4.44 -11.87
C LYS A 80 -15.71 -4.28 -13.15
N THR A 81 -15.22 -3.06 -13.42
CA THR A 81 -14.35 -2.87 -14.57
C THR A 81 -13.12 -3.75 -14.46
N ALA A 82 -12.47 -3.74 -13.29
CA ALA A 82 -11.26 -4.53 -13.12
C ALA A 82 -11.57 -6.02 -13.23
N GLU A 83 -12.70 -6.47 -12.68
CA GLU A 83 -13.11 -7.85 -12.81
C GLU A 83 -13.25 -8.24 -14.28
N GLU A 84 -13.91 -7.38 -15.08
CA GLU A 84 -14.14 -7.71 -16.48
C GLU A 84 -12.86 -7.64 -17.31
N VAL A 85 -11.94 -6.71 -17.02
CA VAL A 85 -10.69 -6.69 -17.76
C VAL A 85 -9.86 -7.92 -17.45
N SER A 86 -9.83 -8.34 -16.19
N SER A 86 -9.82 -8.30 -16.18
CA SER A 86 -9.05 -9.54 -15.87
CA SER A 86 -9.12 -9.52 -15.78
C SER A 86 -9.70 -10.79 -16.46
C SER A 86 -9.70 -10.74 -16.49
N ALA A 87 -11.04 -10.82 -16.59
CA ALA A 87 -11.66 -11.96 -17.26
C ALA A 87 -11.33 -11.97 -18.75
N LEU A 88 -11.26 -10.80 -19.37
CA LEU A 88 -10.86 -10.70 -20.77
C LEU A 88 -9.44 -11.22 -20.95
N VAL A 89 -8.50 -10.75 -20.12
CA VAL A 89 -7.11 -11.21 -20.25
C VAL A 89 -7.04 -12.73 -20.13
N ARG A 90 -7.74 -13.31 -19.14
CA ARG A 90 -7.70 -14.75 -18.94
C ARG A 90 -8.30 -15.51 -20.12
N SER A 91 -9.23 -14.87 -20.84
CA SER A 91 -9.88 -15.51 -22.00
C SER A 91 -9.00 -15.47 -23.23
N LEU A 92 -7.98 -14.63 -23.25
CA LEU A 92 -7.14 -14.53 -24.43
C LEU A 92 -6.03 -15.59 -24.37
N PRO A 93 -5.63 -16.14 -25.51
CA PRO A 93 -4.44 -16.99 -25.52
C PRO A 93 -3.23 -16.23 -25.01
N LYS A 94 -2.32 -16.96 -24.38
CA LYS A 94 -1.11 -16.39 -23.82
C LYS A 94 -0.42 -15.40 -24.76
N GLU A 95 -0.24 -15.80 -26.02
CA GLU A 95 0.51 -14.92 -26.91
C GLU A 95 -0.27 -13.67 -27.31
N GLU A 96 -1.54 -13.54 -26.90
CA GLU A 96 -2.32 -12.34 -27.15
C GLU A 96 -2.53 -11.51 -25.89
N GLN A 97 -2.08 -12.00 -24.74
CA GLN A 97 -2.32 -11.26 -23.51
C GLN A 97 -1.43 -10.02 -23.52
N PRO A 98 -1.91 -8.90 -22.96
CA PRO A 98 -1.08 -7.70 -22.96
C PRO A 98 0.11 -7.82 -22.01
N LYS A 99 1.16 -7.05 -22.32
N LYS A 99 1.16 -7.05 -22.33
CA LYS A 99 2.27 -6.88 -21.39
CA LYS A 99 2.28 -6.86 -21.42
C LYS A 99 2.08 -5.68 -20.48
C LYS A 99 2.09 -5.69 -20.49
N GLN A 100 1.20 -4.75 -20.87
CA GLN A 100 0.89 -3.55 -20.11
C GLN A 100 -0.59 -3.23 -20.29
N ILE A 101 -1.24 -2.81 -19.22
CA ILE A 101 -2.57 -2.21 -19.27
C ILE A 101 -2.46 -0.79 -18.73
N ILE A 102 -2.85 0.20 -19.55
CA ILE A 102 -2.80 1.61 -19.18
C ILE A 102 -4.22 2.08 -18.87
N VAL A 103 -4.46 2.52 -17.62
CA VAL A 103 -5.77 3.03 -17.22
C VAL A 103 -5.81 4.54 -17.39
N THR A 104 -6.92 5.04 -17.92
CA THR A 104 -7.06 6.47 -18.12
C THR A 104 -7.30 7.27 -16.85
N ARG A 105 -7.75 6.62 -15.76
CA ARG A 105 -8.01 7.29 -14.49
C ARG A 105 -7.31 6.55 -13.37
N LYS A 106 -6.59 7.30 -12.51
CA LYS A 106 -5.74 6.67 -11.51
C LYS A 106 -6.54 5.88 -10.48
N ALA A 107 -7.82 6.18 -10.31
CA ALA A 107 -8.62 5.40 -9.37
C ALA A 107 -8.79 3.95 -9.80
N MET A 108 -8.47 3.61 -11.06
CA MET A 108 -8.56 2.22 -11.51
C MET A 108 -7.32 1.41 -11.17
N LEU A 109 -6.23 2.06 -10.68
CA LEU A 109 -4.99 1.32 -10.51
C LEU A 109 -5.10 0.21 -9.47
N ASP A 110 -5.57 0.52 -8.26
CA ASP A 110 -5.61 -0.51 -7.23
C ASP A 110 -6.62 -1.61 -7.56
N PRO A 111 -7.82 -1.30 -8.05
CA PRO A 111 -8.74 -2.39 -8.37
C PRO A 111 -8.16 -3.32 -9.42
N LEU A 112 -7.51 -2.77 -10.45
CA LEU A 112 -6.96 -3.62 -11.52
C LEU A 112 -5.74 -4.39 -11.01
N GLU A 113 -4.87 -3.74 -10.22
CA GLU A 113 -3.73 -4.44 -9.63
C GLU A 113 -4.16 -5.64 -8.80
N VAL A 114 -5.20 -5.47 -7.98
CA VAL A 114 -5.66 -6.54 -7.13
C VAL A 114 -6.26 -7.68 -7.97
N HIS A 115 -7.06 -7.35 -8.99
CA HIS A 115 -7.63 -8.41 -9.82
C HIS A 115 -6.61 -9.12 -10.70
N MET A 116 -5.41 -8.54 -10.88
CA MET A 116 -4.40 -9.09 -11.77
C MET A 116 -3.20 -9.65 -11.00
N LEU A 117 -3.36 -9.93 -9.70
CA LEU A 117 -2.24 -10.44 -8.92
C LEU A 117 -1.64 -11.71 -9.51
N ASP A 118 -2.46 -12.51 -10.19
CA ASP A 118 -2.10 -13.76 -10.82
C ASP A 118 -1.24 -13.55 -12.07
N PHE A 119 -1.04 -12.29 -12.47
CA PHE A 119 -0.31 -11.89 -13.68
C PHE A 119 0.76 -10.89 -13.28
N PRO A 120 1.71 -11.28 -12.44
CA PRO A 120 2.67 -10.30 -11.92
C PRO A 120 3.53 -9.65 -12.99
N ASN A 121 3.63 -10.26 -14.17
CA ASN A 121 4.42 -9.68 -15.24
C ASN A 121 3.61 -8.79 -16.19
N ILE A 122 2.34 -8.51 -15.91
CA ILE A 122 1.59 -7.51 -16.66
C ILE A 122 1.64 -6.22 -15.85
N ALA A 123 2.26 -5.20 -16.44
CA ALA A 123 2.37 -3.92 -15.76
C ALA A 123 1.06 -3.14 -15.85
N ILE A 124 0.61 -2.59 -14.72
CA ILE A 124 -0.57 -1.73 -14.67
C ILE A 124 -0.08 -0.31 -14.48
N ARG A 125 -0.41 0.58 -15.40
CA ARG A 125 0.16 1.93 -15.42
C ARG A 125 -0.90 3.00 -15.60
N PRO A 126 -0.71 4.16 -14.98
CA PRO A 126 -1.49 5.35 -15.32
C PRO A 126 -0.91 6.06 -16.54
N THR A 127 -1.56 7.14 -16.95
CA THR A 127 -1.07 7.95 -18.05
C THR A 127 -1.28 9.42 -17.74
N GLU A 128 -0.37 10.26 -18.25
N GLU A 128 -0.38 10.26 -18.25
CA GLU A 128 -0.55 11.70 -18.17
CA GLU A 128 -0.58 11.70 -18.16
C GLU A 128 -1.26 12.27 -19.39
C GLU A 128 -1.25 12.27 -19.40
N LEU A 129 -1.57 11.44 -20.39
CA LEU A 129 -2.41 11.88 -21.48
C LEU A 129 -3.85 12.06 -21.00
N ARG A 130 -4.52 13.11 -21.46
CA ARG A 130 -5.95 13.31 -21.17
C ARG A 130 -6.70 12.83 -22.41
N LEU A 131 -7.12 11.59 -22.38
CA LEU A 131 -7.61 10.95 -23.57
C LEU A 131 -9.12 11.03 -23.63
N PRO A 132 -9.69 11.37 -24.78
CA PRO A 132 -11.11 11.70 -24.86
C PRO A 132 -12.01 10.47 -24.99
N PHE A 133 -11.63 9.37 -24.36
CA PHE A 133 -12.35 8.13 -24.62
C PHE A 133 -13.77 8.15 -24.09
N SER A 134 -14.11 9.10 -23.19
CA SER A 134 -15.49 9.21 -22.74
C SER A 134 -16.45 9.45 -23.90
N ALA A 135 -15.99 10.08 -24.96
CA ALA A 135 -16.80 10.38 -26.12
C ALA A 135 -17.07 9.17 -27.04
N ALA A 136 -16.65 7.98 -26.66
CA ALA A 136 -16.97 6.78 -27.43
C ALA A 136 -18.46 6.65 -27.64
N MET A 137 -19.26 7.03 -26.63
CA MET A 137 -20.69 6.87 -26.79
C MET A 137 -21.28 7.91 -27.72
N SER A 138 -20.45 8.79 -28.30
CA SER A 138 -20.92 9.66 -29.38
C SER A 138 -20.75 9.03 -30.76
N ILE A 139 -20.12 7.86 -30.84
CA ILE A 139 -20.03 7.11 -32.10
C ILE A 139 -21.33 6.33 -32.23
N ASP A 140 -22.14 6.69 -33.21
CA ASP A 140 -23.51 6.19 -33.27
C ASP A 140 -23.61 4.67 -33.13
N LYS A 141 -22.77 3.92 -33.83
CA LYS A 141 -22.95 2.47 -33.80
C LYS A 141 -22.57 1.89 -32.45
N LEU A 142 -21.64 2.54 -31.71
CA LEU A 142 -21.30 2.07 -30.37
C LEU A 142 -22.44 2.39 -29.40
N SER A 143 -22.95 3.62 -29.46
CA SER A 143 -24.08 3.98 -28.60
C SER A 143 -25.28 3.07 -28.87
N ASP A 144 -25.54 2.73 -30.14
CA ASP A 144 -26.71 1.90 -30.44
C ASP A 144 -26.61 0.51 -29.81
N VAL A 145 -25.45 -0.14 -29.91
CA VAL A 145 -25.32 -1.50 -29.37
C VAL A 145 -25.43 -1.48 -27.85
N VAL A 146 -24.92 -0.42 -27.20
CA VAL A 146 -24.97 -0.35 -25.74
C VAL A 146 -26.41 -0.14 -25.28
N MET A 147 -27.14 0.75 -25.96
N MET A 147 -27.14 0.77 -25.94
N MET A 147 -27.15 0.73 -25.96
CA MET A 147 -28.48 1.11 -25.54
CA MET A 147 -28.50 1.06 -25.48
CA MET A 147 -28.49 1.04 -25.47
C MET A 147 -29.51 0.03 -25.86
C MET A 147 -29.48 -0.08 -25.78
C MET A 147 -29.49 -0.05 -25.81
N LYS A 148 -29.26 -0.82 -26.87
CA LYS A 148 -30.17 -1.92 -27.20
C LYS A 148 -29.93 -3.18 -26.36
N ALA A 149 -28.80 -3.28 -25.67
CA ALA A 149 -28.50 -4.48 -24.93
C ALA A 149 -29.54 -4.75 -23.84
N THR A 150 -29.96 -6.02 -23.76
CA THR A 150 -30.88 -6.49 -22.74
C THR A 150 -30.20 -7.38 -21.71
N GLU A 151 -28.93 -7.70 -21.89
CA GLU A 151 -28.12 -8.54 -21.02
C GLU A 151 -26.66 -8.16 -21.22
N PRO A 152 -25.78 -8.56 -20.30
CA PRO A 152 -24.33 -8.33 -20.53
C PRO A 152 -23.87 -8.94 -21.85
N GLN A 153 -22.93 -8.27 -22.51
CA GLN A 153 -22.54 -8.64 -23.85
C GLN A 153 -21.16 -8.05 -24.10
N MET A 154 -20.31 -8.79 -24.79
CA MET A 154 -19.06 -8.25 -25.33
C MET A 154 -19.19 -8.11 -26.84
N VAL A 155 -18.85 -6.93 -27.37
CA VAL A 155 -18.84 -6.71 -28.81
C VAL A 155 -17.47 -6.21 -29.25
N LEU A 156 -16.99 -6.75 -30.36
CA LEU A 156 -15.65 -6.44 -30.87
C LEU A 156 -15.74 -5.52 -32.08
N PHE A 157 -14.89 -4.51 -32.08
CA PHE A 157 -14.84 -3.54 -33.16
C PHE A 157 -13.39 -3.29 -33.50
N ASN A 158 -13.16 -2.79 -34.70
CA ASN A 158 -11.90 -2.11 -35.03
C ASN A 158 -12.19 -0.62 -35.13
N ILE A 159 -11.68 0.15 -34.17
CA ILE A 159 -12.03 1.56 -34.11
C ILE A 159 -11.31 2.38 -35.17
N TYR A 160 -10.37 1.79 -35.92
CA TYR A 160 -9.72 2.49 -37.03
C TYR A 160 -10.31 2.13 -38.39
N ASP A 161 -11.45 1.43 -38.43
CA ASP A 161 -11.94 0.93 -39.70
C ASP A 161 -10.79 0.31 -40.49
N ASP A 162 -10.58 0.73 -41.75
CA ASP A 162 -9.53 0.19 -42.59
C ASP A 162 -8.35 1.15 -42.71
N TRP A 163 -8.21 2.11 -41.79
CA TRP A 163 -7.19 3.15 -41.97
C TRP A 163 -5.78 2.58 -42.03
N LEU A 164 -5.50 1.50 -41.31
CA LEU A 164 -4.13 1.03 -41.24
C LEU A 164 -3.65 0.42 -42.55
N ASP A 165 -4.55 0.27 -43.53
CA ASP A 165 -4.11 -0.05 -44.88
C ASP A 165 -3.35 1.10 -45.52
N ARG A 166 -3.56 2.33 -45.05
CA ARG A 166 -3.01 3.52 -45.68
C ARG A 166 -2.15 4.38 -44.78
N ILE A 167 -2.31 4.33 -43.45
CA ILE A 167 -1.56 5.17 -42.52
C ILE A 167 -1.00 4.28 -41.41
N SER A 168 -0.04 4.83 -40.67
CA SER A 168 0.57 4.15 -39.54
C SER A 168 -0.36 4.19 -38.32
N SER A 169 -0.06 3.32 -37.34
N SER A 169 -0.06 3.36 -37.32
CA SER A 169 -0.84 3.32 -36.10
CA SER A 169 -0.90 3.36 -36.11
C SER A 169 -0.72 4.68 -35.40
C SER A 169 -0.69 4.64 -35.28
N TYR A 170 0.48 5.27 -35.39
CA TYR A 170 0.65 6.58 -34.77
C TYR A 170 -0.35 7.57 -35.34
N THR A 171 -0.47 7.61 -36.67
CA THR A 171 -1.34 8.59 -37.33
C THR A 171 -2.81 8.23 -37.07
N ALA A 172 -3.12 6.94 -37.07
CA ALA A 172 -4.49 6.51 -36.82
C ALA A 172 -4.94 6.89 -35.41
N PHE A 173 -4.10 6.66 -34.41
CA PHE A 173 -4.45 7.05 -33.05
C PHE A 173 -4.62 8.55 -32.94
N SER A 174 -3.76 9.31 -33.62
CA SER A 174 -3.84 10.76 -33.58
C SER A 174 -5.16 11.22 -34.21
N ARG A 175 -5.58 10.58 -35.30
CA ARG A 175 -6.85 10.91 -35.92
C ARG A 175 -8.01 10.56 -34.99
N LEU A 176 -7.92 9.39 -34.35
CA LEU A 176 -9.01 9.00 -33.44
C LEU A 176 -9.14 9.96 -32.29
N THR A 177 -8.01 10.38 -31.70
CA THR A 177 -8.09 11.26 -30.53
C THR A 177 -8.62 12.61 -30.95
N LEU A 178 -8.26 13.08 -32.14
CA LEU A 178 -8.79 14.36 -32.63
C LEU A 178 -10.30 14.28 -32.85
N LEU A 179 -10.77 13.19 -33.46
CA LEU A 179 -12.22 13.02 -33.68
C LEU A 179 -12.94 12.95 -32.36
N LEU A 180 -12.43 12.16 -31.42
CA LEU A 180 -13.13 12.01 -30.13
C LEU A 180 -13.09 13.30 -29.34
N ARG A 181 -11.96 14.02 -29.37
CA ARG A 181 -11.93 15.30 -28.69
C ARG A 181 -12.99 16.25 -29.27
N ALA A 182 -13.12 16.29 -30.59
CA ALA A 182 -14.13 17.16 -31.22
C ALA A 182 -15.54 16.73 -30.82
N LEU A 183 -15.83 15.44 -30.83
CA LEU A 183 -17.14 14.97 -30.39
C LEU A 183 -17.41 15.31 -28.93
N LYS A 184 -16.37 15.27 -28.09
CA LYS A 184 -16.51 15.62 -26.68
C LYS A 184 -16.79 17.11 -26.50
N THR A 185 -16.18 17.96 -27.32
N THR A 185 -16.21 17.95 -27.35
CA THR A 185 -16.32 19.41 -27.13
CA THR A 185 -16.27 19.39 -27.18
C THR A 185 -17.61 19.95 -27.73
C THR A 185 -17.56 19.99 -27.76
N ASN A 186 -17.97 19.53 -28.94
CA ASN A 186 -19.25 19.97 -29.55
C ASN A 186 -19.76 18.83 -30.41
N GLU A 187 -20.57 17.98 -29.81
CA GLU A 187 -20.96 16.74 -30.47
C GLU A 187 -21.74 17.02 -31.74
N GLU A 188 -22.73 17.91 -31.66
CA GLU A 188 -23.59 18.15 -32.82
C GLU A 188 -22.77 18.68 -33.99
N SER A 189 -21.89 19.63 -33.73
CA SER A 189 -21.09 20.21 -34.81
C SER A 189 -20.12 19.20 -35.40
N ALA A 190 -19.53 18.34 -34.54
CA ALA A 190 -18.64 17.30 -35.04
C ALA A 190 -19.36 16.30 -35.93
N LYS A 191 -20.57 15.89 -35.50
CA LYS A 191 -21.44 14.91 -36.20
C LYS A 191 -21.79 15.54 -37.54
N MET A 192 -22.13 16.84 -37.58
CA MET A 192 -22.39 17.58 -38.85
CA MET A 192 -22.37 17.59 -38.85
C MET A 192 -21.22 17.74 -39.90
N ILE A 193 -20.03 17.88 -39.31
CA ILE A 193 -18.75 17.89 -40.09
C ILE A 193 -18.56 16.49 -40.68
N LEU A 194 -18.76 15.45 -39.87
CA LEU A 194 -18.57 14.03 -40.27
C LEU A 194 -19.63 13.59 -41.28
N LEU A 195 -20.88 14.05 -41.15
CA LEU A 195 -21.97 13.55 -42.02
C LEU A 195 -22.57 14.56 -43.02
N SER A 196 -22.10 15.81 -43.17
CA SER A 196 -22.80 16.80 -44.05
C SER A 196 -22.76 16.39 -45.50
N ASP A 197 -21.66 15.83 -46.00
CA ASP A 197 -21.56 15.46 -47.43
C ASP A 197 -22.28 14.12 -47.53
N PRO A 198 -23.69 13.86 -48.07
CA PRO A 198 -24.39 12.56 -48.12
C PRO A 198 -23.80 11.58 -49.11
N THR A 199 -22.91 12.01 -49.99
CA THR A 199 -22.32 11.08 -50.95
C THR A 199 -21.19 10.27 -50.35
N ILE A 200 -20.63 10.69 -49.22
CA ILE A 200 -19.65 9.91 -48.48
C ILE A 200 -20.40 9.21 -47.35
N THR A 201 -20.37 7.88 -47.33
CA THR A 201 -21.19 7.13 -46.40
C THR A 201 -20.29 6.30 -45.49
N ILE A 202 -20.93 5.70 -44.49
CA ILE A 202 -20.29 4.78 -43.55
C ILE A 202 -20.59 3.37 -44.02
N LYS A 203 -19.56 2.59 -44.31
CA LYS A 203 -19.78 1.20 -44.73
C LYS A 203 -20.47 0.43 -43.60
N SER A 204 -21.25 -0.57 -43.98
CA SER A 204 -21.98 -1.37 -43.00
C SER A 204 -21.04 -1.89 -41.90
N TYR A 205 -19.82 -2.24 -42.28
CA TYR A 205 -18.86 -2.88 -41.38
C TYR A 205 -17.85 -1.87 -40.79
N HIS A 206 -18.13 -0.57 -40.89
CA HIS A 206 -17.28 0.48 -40.36
C HIS A 206 -18.01 1.35 -39.35
N LEU A 207 -17.23 2.19 -38.67
CA LEU A 207 -17.76 3.13 -37.70
C LEU A 207 -17.75 4.57 -38.21
N TRP A 208 -16.85 4.88 -39.11
CA TRP A 208 -16.63 6.23 -39.60
C TRP A 208 -16.85 6.26 -41.12
N PRO A 209 -16.98 7.45 -41.73
CA PRO A 209 -17.20 7.52 -43.18
C PRO A 209 -15.98 7.15 -43.99
N SER A 210 -16.23 6.84 -45.28
CA SER A 210 -15.22 6.34 -46.21
C SER A 210 -14.52 7.50 -46.94
N PHE A 211 -13.87 8.33 -46.15
CA PHE A 211 -13.16 9.48 -46.71
C PHE A 211 -11.91 9.06 -47.45
N THR A 212 -11.63 9.74 -48.56
CA THR A 212 -10.34 9.59 -49.19
C THR A 212 -9.25 10.25 -48.35
N ASP A 213 -7.99 10.03 -48.74
CA ASP A 213 -6.88 10.65 -48.05
C ASP A 213 -7.01 12.18 -48.00
N GLU A 214 -7.34 12.80 -49.14
CA GLU A 214 -7.45 14.26 -49.15
C GLU A 214 -8.64 14.73 -48.32
N GLN A 215 -9.75 13.98 -48.35
CA GLN A 215 -10.92 14.35 -47.58
C GLN A 215 -10.67 14.22 -46.09
N TRP A 216 -9.82 13.27 -45.68
CA TRP A 216 -9.48 13.19 -44.26
C TRP A 216 -8.67 14.40 -43.84
N ILE A 217 -7.84 14.95 -44.72
CA ILE A 217 -7.12 16.17 -44.38
C ILE A 217 -8.10 17.31 -44.13
N THR A 218 -9.08 17.46 -45.02
CA THR A 218 -10.11 18.49 -44.84
C THR A 218 -10.89 18.29 -43.55
N ILE A 219 -11.35 17.05 -43.30
CA ILE A 219 -12.11 16.77 -42.08
C ILE A 219 -11.27 17.09 -40.85
N GLU A 220 -10.01 16.64 -40.82
CA GLU A 220 -9.16 16.90 -39.66
C GLU A 220 -8.99 18.40 -39.44
N SER A 221 -8.87 19.17 -40.52
N SER A 221 -8.86 19.17 -40.52
CA SER A 221 -8.75 20.61 -40.38
CA SER A 221 -8.76 20.62 -40.39
C SER A 221 -10.05 21.22 -39.85
C SER A 221 -10.05 21.20 -39.83
N GLN A 222 -11.20 20.70 -40.28
CA GLN A 222 -12.47 21.19 -39.76
C GLN A 222 -12.61 20.85 -38.29
N MET A 223 -12.14 19.66 -37.88
CA MET A 223 -12.19 19.32 -36.46
C MET A 223 -11.30 20.20 -35.61
N ARG A 224 -10.08 20.49 -36.08
N ARG A 224 -10.08 20.50 -36.08
CA ARG A 224 -9.21 21.39 -35.34
CA ARG A 224 -9.22 21.39 -35.32
C ARG A 224 -9.84 22.77 -35.21
C ARG A 224 -9.84 22.78 -35.21
N ASP A 225 -10.48 23.26 -36.29
CA ASP A 225 -11.16 24.54 -36.24
CA ASP A 225 -11.15 24.55 -36.23
C ASP A 225 -12.31 24.52 -35.23
N LEU A 226 -13.09 23.45 -35.21
CA LEU A 226 -14.16 23.34 -34.22
C LEU A 226 -13.61 23.46 -32.80
N ILE A 227 -12.52 22.77 -32.52
CA ILE A 227 -11.98 22.77 -31.16
C ILE A 227 -11.49 24.16 -30.80
N LEU A 228 -10.76 24.79 -31.72
CA LEU A 228 -10.29 26.14 -31.46
C LEU A 228 -11.46 27.10 -31.34
N THR A 229 -12.45 26.99 -32.21
CA THR A 229 -13.65 27.82 -32.09
C THR A 229 -14.27 27.68 -30.70
N GLU A 230 -14.39 26.44 -30.22
CA GLU A 230 -15.03 26.22 -28.92
C GLU A 230 -14.17 26.75 -27.77
N TYR A 231 -12.85 26.62 -27.89
CA TYR A 231 -11.96 27.22 -26.90
C TYR A 231 -12.15 28.73 -26.84
N GLY A 232 -12.27 29.37 -28.01
CA GLY A 232 -12.48 30.82 -28.02
C GLY A 232 -13.81 31.21 -27.39
N ARG A 233 -14.87 30.45 -27.69
CA ARG A 233 -16.17 30.73 -27.07
C ARG A 233 -16.09 30.55 -25.57
N LYS A 234 -15.38 29.53 -25.11
CA LYS A 234 -15.32 29.22 -23.68
C LYS A 234 -14.64 30.32 -22.89
N TYR A 235 -13.46 30.73 -23.34
CA TYR A 235 -12.61 31.65 -22.61
C TYR A 235 -12.72 33.10 -23.11
N ASN A 236 -13.59 33.37 -24.09
CA ASN A 236 -13.83 34.72 -24.60
C ASN A 236 -12.55 35.28 -25.24
N VAL A 237 -12.01 34.51 -26.18
CA VAL A 237 -10.75 34.81 -26.87
C VAL A 237 -10.99 35.08 -28.34
N MET B 5 15.58 -9.92 42.07
CA MET B 5 16.23 -8.97 41.13
C MET B 5 17.57 -9.50 40.61
N ASN B 6 17.88 -9.24 39.34
CA ASN B 6 19.07 -9.76 38.68
C ASN B 6 19.97 -8.62 38.21
N THR B 7 21.13 -9.01 37.70
CA THR B 7 22.26 -8.12 37.48
C THR B 7 22.93 -8.45 36.16
N VAL B 8 23.30 -7.42 35.41
CA VAL B 8 24.15 -7.55 34.22
C VAL B 8 25.44 -6.79 34.47
N PRO B 9 26.49 -7.47 34.92
CA PRO B 9 27.77 -6.80 35.13
C PRO B 9 28.51 -6.54 33.81
N PHE B 10 29.38 -5.53 33.86
CA PHE B 10 30.24 -5.14 32.76
C PHE B 10 31.68 -5.39 33.18
N THR B 11 32.47 -6.05 32.34
CA THR B 11 33.89 -6.17 32.64
C THR B 11 34.52 -4.80 32.85
N SER B 12 34.18 -3.85 31.98
CA SER B 12 34.72 -2.50 32.01
C SER B 12 33.99 -1.69 30.94
N ALA B 13 34.30 -0.40 30.88
CA ALA B 13 33.72 0.54 29.91
C ALA B 13 34.85 1.33 29.24
N PRO B 14 35.52 0.73 28.25
CA PRO B 14 36.71 1.41 27.69
C PRO B 14 36.42 2.56 26.73
N ILE B 15 35.21 2.68 26.21
CA ILE B 15 34.87 3.77 25.32
C ILE B 15 33.62 4.45 25.84
N GLU B 16 33.58 5.75 25.67
CA GLU B 16 32.46 6.58 26.07
C GLU B 16 31.20 6.17 25.32
N VAL B 17 30.08 6.03 26.03
CA VAL B 17 28.91 5.41 25.44
C VAL B 17 27.70 5.84 26.24
N THR B 18 26.58 6.09 25.54
CA THR B 18 25.26 6.16 26.17
C THR B 18 24.66 4.77 26.24
N ILE B 19 24.31 4.35 27.47
CA ILE B 19 23.79 3.02 27.71
C ILE B 19 22.31 3.14 28.02
N GLY B 20 21.50 2.36 27.35
CA GLY B 20 20.09 2.27 27.67
C GLY B 20 19.76 0.95 28.34
N ILE B 21 18.80 0.99 29.26
CA ILE B 21 18.26 -0.22 29.83
C ILE B 21 16.76 0.03 29.82
N ASP B 22 16.05 -0.73 29.01
CA ASP B 22 14.61 -0.49 28.77
C ASP B 22 14.45 1.00 28.43
N GLN B 23 13.51 1.71 29.04
CA GLN B 23 13.22 3.10 28.69
C GLN B 23 14.13 4.09 29.40
N TYR B 24 15.15 3.64 30.13
CA TYR B 24 16.08 4.50 30.84
C TYR B 24 17.40 4.62 30.07
N SER B 25 18.16 5.67 30.34
CA SER B 25 19.45 5.79 29.66
C SER B 25 20.38 6.64 30.51
N PHE B 26 21.68 6.39 30.37
CA PHE B 26 22.66 7.17 31.09
C PHE B 26 23.96 7.16 30.32
N ASN B 27 24.81 8.13 30.60
CA ASN B 27 26.08 8.28 29.90
C ASN B 27 27.21 7.74 30.75
N VAL B 28 28.12 6.99 30.10
CA VAL B 28 29.34 6.51 30.74
C VAL B 28 30.54 7.14 30.04
N LYS B 29 31.47 7.66 30.84
CA LYS B 29 32.64 8.30 30.23
C LYS B 29 33.73 7.28 29.90
N GLU B 30 34.60 7.67 28.94
CA GLU B 30 35.73 6.86 28.50
C GLU B 30 36.58 6.41 29.69
N ASN B 31 36.63 5.09 29.92
CA ASN B 31 37.40 4.47 31.00
C ASN B 31 36.88 4.87 32.38
N GLN B 32 35.59 5.17 32.50
CA GLN B 32 34.98 5.39 33.80
C GLN B 32 34.76 4.06 34.52
N PRO B 33 34.82 4.05 35.90
CA PRO B 33 34.69 2.78 36.66
C PRO B 33 33.29 2.19 36.74
N PHE B 34 32.70 1.94 35.59
CA PHE B 34 31.34 1.42 35.48
C PHE B 34 31.38 -0.09 35.34
N HIS B 35 30.61 -0.79 36.18
CA HIS B 35 30.62 -2.25 36.11
C HIS B 35 29.23 -2.86 36.09
N GLY B 36 28.21 -2.12 35.65
CA GLY B 36 26.99 -2.74 35.19
C GLY B 36 25.72 -2.20 35.84
N ILE B 37 24.66 -2.98 35.67
CA ILE B 37 23.31 -2.59 36.05
C ILE B 37 22.75 -3.64 37.01
N LYS B 38 22.25 -3.20 38.16
CA LYS B 38 21.66 -4.10 39.14
C LYS B 38 20.17 -3.79 39.36
N ASP B 39 19.51 -4.67 40.13
CA ASP B 39 18.10 -4.51 40.54
C ASP B 39 17.16 -4.56 39.33
N ILE B 40 17.50 -5.40 38.35
CA ILE B 40 16.68 -5.51 37.14
C ILE B 40 15.46 -6.35 37.45
N PRO B 41 14.23 -5.86 37.21
CA PRO B 41 13.06 -6.60 37.68
C PRO B 41 12.89 -7.93 36.97
N ILE B 42 12.71 -8.97 37.76
CA ILE B 42 12.42 -10.28 37.23
C ILE B 42 10.97 -10.30 36.78
N GLY B 43 10.73 -10.98 35.66
CA GLY B 43 9.40 -11.23 35.15
C GLY B 43 9.14 -10.60 33.81
N HIS B 44 10.06 -9.77 33.32
CA HIS B 44 9.89 -9.14 32.03
C HIS B 44 11.11 -9.44 31.18
N VAL B 45 10.94 -9.36 29.88
N VAL B 45 10.93 -9.43 29.88
CA VAL B 45 12.09 -9.27 28.99
CA VAL B 45 12.11 -9.26 29.02
C VAL B 45 12.65 -7.85 29.03
C VAL B 45 12.70 -7.88 29.25
N HIS B 46 13.95 -7.71 28.82
CA HIS B 46 14.61 -6.42 28.91
C HIS B 46 15.48 -6.21 27.69
N VAL B 47 15.89 -4.98 27.47
CA VAL B 47 16.83 -4.66 26.40
C VAL B 47 17.90 -3.74 26.95
N ILE B 48 19.16 -4.05 26.65
N ILE B 48 19.17 -4.11 26.76
CA ILE B 48 20.27 -3.19 27.04
CA ILE B 48 20.27 -3.18 27.03
C ILE B 48 20.92 -2.71 25.74
C ILE B 48 20.77 -2.69 25.68
N HIS B 49 20.99 -1.40 25.58
CA HIS B 49 21.33 -0.84 24.27
C HIS B 49 22.38 0.25 24.39
N PHE B 50 23.02 0.52 23.24
CA PHE B 50 24.24 1.30 23.24
C PHE B 50 24.27 2.25 22.07
N GLN B 51 24.83 3.43 22.32
CA GLN B 51 25.17 4.38 21.25
C GLN B 51 26.52 5.00 21.60
N HIS B 52 27.52 4.76 20.78
CA HIS B 52 28.85 5.25 21.11
C HIS B 52 28.93 6.77 21.02
N ALA B 53 29.68 7.38 21.95
CA ALA B 53 29.78 8.82 22.00
C ALA B 53 30.53 9.35 20.79
N ASP B 54 31.58 8.66 20.38
CA ASP B 54 32.41 9.12 19.27
C ASP B 54 31.87 8.68 17.92
N ASN B 55 30.79 7.90 17.87
CA ASN B 55 30.22 7.52 16.59
C ASN B 55 28.78 7.07 16.82
N SER B 56 27.85 7.99 16.64
CA SER B 56 26.45 7.65 16.90
C SER B 56 25.87 6.75 15.82
N SER B 57 26.64 6.44 14.76
CA SER B 57 26.27 5.40 13.82
C SER B 57 26.10 4.08 14.56
N MET B 58 25.20 3.26 14.05
N MET B 58 25.16 3.29 14.09
CA MET B 58 24.88 2.00 14.71
CA MET B 58 24.86 1.99 14.67
C MET B 58 24.51 2.18 16.18
C MET B 58 24.49 2.08 16.15
N ARG B 59 23.23 2.41 16.46
CA ARG B 59 22.70 2.01 17.75
C ARG B 59 22.66 0.47 17.71
N TYR B 60 22.94 -0.20 18.81
CA TYR B 60 22.79 -1.66 18.82
C TYR B 60 22.47 -2.09 20.24
N GLY B 61 22.05 -3.35 20.40
CA GLY B 61 21.68 -3.80 21.73
C GLY B 61 21.26 -5.25 21.77
N TYR B 62 20.82 -5.67 22.97
CA TYR B 62 20.54 -7.07 23.24
C TYR B 62 19.25 -7.19 24.02
N TRP B 63 18.39 -8.05 23.53
CA TRP B 63 17.21 -8.47 24.27
C TRP B 63 17.53 -9.72 25.09
N PHE B 64 17.08 -9.73 26.36
CA PHE B 64 17.42 -10.84 27.24
C PHE B 64 16.39 -10.96 28.35
N ASP B 65 16.47 -12.11 29.04
CA ASP B 65 15.61 -12.42 30.18
C ASP B 65 16.50 -13.03 31.25
N CYS B 66 16.63 -12.36 32.39
CA CYS B 66 17.55 -12.83 33.42
C CYS B 66 17.16 -14.20 33.97
N ARG B 67 15.94 -14.65 33.71
CA ARG B 67 15.56 -15.99 34.14
C ARG B 67 16.23 -17.08 33.31
N MET B 68 16.87 -16.75 32.19
N MET B 68 16.85 -16.74 32.19
CA MET B 68 17.37 -17.76 31.28
CA MET B 68 17.36 -17.74 31.25
C MET B 68 18.88 -17.93 31.32
C MET B 68 18.87 -17.96 31.35
N GLY B 69 19.56 -17.25 32.22
CA GLY B 69 20.99 -17.37 32.29
C GLY B 69 21.60 -16.16 32.97
N ASN B 70 22.89 -16.26 33.22
CA ASN B 70 23.67 -15.19 33.79
C ASN B 70 24.45 -14.50 32.66
N PHE B 71 24.14 -13.23 32.40
CA PHE B 71 24.68 -12.52 31.25
C PHE B 71 25.52 -11.33 31.71
N TYR B 72 26.61 -11.07 30.99
CA TYR B 72 27.46 -9.92 31.26
C TYR B 72 27.84 -9.30 29.93
N ILE B 73 28.38 -8.09 30.02
CA ILE B 73 28.80 -7.32 28.85
C ILE B 73 30.30 -7.12 28.93
N GLN B 74 30.97 -7.29 27.79
CA GLN B 74 32.40 -7.00 27.69
C GLN B 74 32.68 -6.36 26.35
N TYR B 75 33.51 -5.32 26.36
CA TYR B 75 33.88 -4.61 25.13
C TYR B 75 34.88 -5.45 24.35
N ASP B 76 34.65 -5.56 23.05
CA ASP B 76 35.55 -6.24 22.11
C ASP B 76 36.29 -5.16 21.30
N PRO B 77 37.58 -4.97 21.51
CA PRO B 77 38.27 -3.90 20.77
C PRO B 77 38.53 -4.25 19.30
N LYS B 78 38.36 -5.50 18.92
CA LYS B 78 38.53 -5.86 17.51
C LYS B 78 37.27 -5.50 16.72
N ASP B 79 36.11 -5.99 17.20
CA ASP B 79 34.89 -5.66 16.51
C ASP B 79 34.29 -4.32 16.92
N GLY B 80 34.84 -3.66 17.94
CA GLY B 80 34.47 -2.30 18.24
C GLY B 80 33.09 -2.18 18.86
N LEU B 81 32.67 -3.17 19.62
CA LEU B 81 31.38 -3.00 20.30
C LEU B 81 31.30 -3.75 21.62
N TYR B 82 30.32 -3.32 22.42
CA TYR B 82 30.02 -4.01 23.67
C TYR B 82 29.21 -5.28 23.37
N LYS B 83 29.72 -6.44 23.78
CA LYS B 83 29.11 -7.71 23.47
C LYS B 83 28.49 -8.33 24.72
N MET B 84 27.29 -8.91 24.56
CA MET B 84 26.71 -9.71 25.63
C MET B 84 27.25 -11.12 25.55
N MET B 85 27.59 -11.66 26.70
CA MET B 85 28.01 -13.05 26.78
C MET B 85 27.31 -13.72 27.94
N GLU B 86 27.25 -15.04 27.90
CA GLU B 86 26.72 -15.82 29.00
C GLU B 86 27.87 -16.43 29.78
N GLU B 87 27.80 -16.34 31.12
CA GLU B 87 28.75 -16.98 32.01
C GLU B 87 28.13 -18.27 32.55
N ARG B 88 28.75 -19.41 32.24
CA ARG B 88 28.20 -20.68 32.71
C ARG B 88 28.70 -21.05 34.12
N ASP B 89 29.78 -20.42 34.61
CA ASP B 89 30.32 -20.71 35.94
C ASP B 89 29.58 -19.84 36.97
N GLY B 90 28.58 -20.44 37.61
CA GLY B 90 27.69 -19.69 38.47
C GLY B 90 28.39 -19.03 39.64
N ALA B 91 29.37 -19.71 40.24
CA ALA B 91 30.01 -19.16 41.43
C ALA B 91 30.99 -18.07 41.08
N LYS B 92 31.66 -18.19 39.93
CA LYS B 92 32.44 -17.08 39.42
C LYS B 92 31.55 -15.85 39.23
N PHE B 93 30.38 -16.04 38.62
CA PHE B 93 29.49 -14.92 38.33
C PHE B 93 29.11 -14.20 39.61
N GLU B 94 28.58 -14.94 40.59
CA GLU B 94 28.17 -14.33 41.85
C GLU B 94 29.33 -13.65 42.56
N ASN B 95 30.51 -14.24 42.48
CA ASN B 95 31.69 -13.66 43.13
C ASN B 95 32.07 -12.33 42.48
N ILE B 96 31.98 -12.25 41.16
CA ILE B 96 32.28 -11.00 40.47
C ILE B 96 31.24 -9.94 40.80
N VAL B 97 29.96 -10.30 40.70
CA VAL B 97 28.90 -9.33 40.99
C VAL B 97 29.02 -8.80 42.42
N HIS B 98 29.33 -9.68 43.37
CA HIS B 98 29.40 -9.24 44.77
C HIS B 98 30.52 -8.21 44.97
N ASN B 99 31.69 -8.47 44.39
CA ASN B 99 32.75 -7.46 44.43
C ASN B 99 32.27 -6.13 43.87
N PHE B 100 31.60 -6.16 42.70
CA PHE B 100 31.13 -4.92 42.08
C PHE B 100 30.04 -4.23 42.90
N LYS B 101 29.14 -5.00 43.50
CA LYS B 101 28.07 -4.39 44.29
C LYS B 101 28.63 -3.79 45.58
N GLU B 102 29.56 -4.48 46.22
CA GLU B 102 30.15 -3.98 47.46
C GLU B 102 30.89 -2.68 47.23
N ARG B 103 31.53 -2.53 46.08
CA ARG B 103 32.25 -1.30 45.75
C ARG B 103 31.36 -0.27 45.06
N GLN B 104 30.05 -0.58 44.94
CA GLN B 104 29.04 0.34 44.40
C GLN B 104 29.43 0.86 43.02
N MET B 105 29.80 -0.08 42.15
CA MET B 105 30.22 0.22 40.79
C MET B 105 29.11 -0.04 39.78
N MET B 106 27.87 -0.28 40.23
CA MET B 106 26.75 -0.54 39.34
C MET B 106 25.67 0.53 39.49
N VAL B 107 24.96 0.84 38.41
CA VAL B 107 23.77 1.69 38.51
C VAL B 107 22.58 0.81 38.81
N SER B 108 21.59 1.39 39.48
CA SER B 108 20.40 0.64 39.85
C SER B 108 19.27 0.90 38.85
N TYR B 109 18.66 -0.17 38.36
CA TYR B 109 17.51 -0.03 37.48
C TYR B 109 16.47 0.86 38.16
N PRO B 110 16.14 2.02 37.59
CA PRO B 110 15.52 3.04 38.42
C PRO B 110 13.99 3.04 38.31
N LYS B 111 13.37 1.94 38.75
CA LYS B 111 11.94 1.78 38.59
C LYS B 111 11.20 2.42 39.76
N ILE B 112 10.32 3.37 39.45
CA ILE B 112 9.35 3.90 40.40
C ILE B 112 8.26 2.86 40.70
N ASP B 113 7.81 2.82 41.95
CA ASP B 113 6.90 1.74 42.35
C ASP B 113 5.53 1.87 41.68
N GLU B 114 5.03 3.09 41.53
CA GLU B 114 3.76 3.32 40.85
C GLU B 114 3.78 2.94 39.37
N ASP B 115 4.96 2.67 38.80
CA ASP B 115 5.16 2.78 37.37
C ASP B 115 5.05 1.43 36.69
N ASP B 116 4.02 1.27 35.85
CA ASP B 116 3.83 0.08 35.06
C ASP B 116 4.30 0.25 33.61
N THR B 117 5.06 1.29 33.28
CA THR B 117 5.34 1.58 31.87
C THR B 117 5.95 0.39 31.13
N TRP B 118 6.96 -0.26 31.71
CA TRP B 118 7.65 -1.31 30.97
C TRP B 118 6.75 -2.52 30.78
N TYR B 119 6.03 -2.93 31.83
CA TYR B 119 5.04 -3.98 31.66
C TYR B 119 4.05 -3.63 30.53
N ASN B 120 3.57 -2.38 30.51
CA ASN B 120 2.58 -1.99 29.52
C ASN B 120 3.15 -2.03 28.11
N LEU B 121 4.45 -1.83 27.97
CA LEU B 121 5.06 -1.90 26.64
C LEU B 121 5.45 -3.31 26.22
N THR B 122 5.57 -4.26 27.17
CA THR B 122 6.08 -5.59 26.87
C THR B 122 5.12 -6.69 27.30
N GLU B 123 3.86 -6.34 27.58
CA GLU B 123 2.90 -7.30 28.11
C GLU B 123 2.89 -8.62 27.34
N PHE B 124 2.98 -8.58 26.00
CA PHE B 124 2.86 -9.78 25.18
C PHE B 124 4.17 -10.25 24.60
N VAL B 125 5.28 -9.63 24.99
CA VAL B 125 6.59 -9.93 24.42
C VAL B 125 7.26 -11.01 25.26
N GLN B 126 7.62 -12.12 24.61
N GLN B 126 7.60 -12.14 24.62
CA GLN B 126 8.29 -13.25 25.26
CA GLN B 126 8.31 -13.23 25.27
C GLN B 126 9.61 -13.55 24.54
C GLN B 126 9.62 -13.53 24.55
N MET B 127 10.64 -13.94 25.32
CA MET B 127 11.94 -14.21 24.71
C MET B 127 11.87 -15.28 23.64
N ASP B 128 11.06 -16.33 23.85
CA ASP B 128 11.04 -17.39 22.85
C ASP B 128 10.56 -16.86 21.50
N LYS B 129 9.66 -15.88 21.49
CA LYS B 129 9.21 -15.33 20.22
C LYS B 129 10.25 -14.38 19.63
N ILE B 130 10.94 -13.61 20.46
CA ILE B 130 12.05 -12.78 19.98
C ILE B 130 13.06 -13.64 19.24
N ARG B 131 13.41 -14.80 19.81
CA ARG B 131 14.48 -15.61 19.22
C ARG B 131 14.09 -16.25 17.90
N LYS B 132 12.80 -16.29 17.57
CA LYS B 132 12.38 -16.71 16.23
C LYS B 132 12.40 -15.58 15.22
N ILE B 133 12.19 -14.33 15.66
CA ILE B 133 12.33 -13.20 14.75
C ILE B 133 13.81 -12.92 14.50
N VAL B 134 14.65 -13.02 15.55
CA VAL B 134 16.10 -12.79 15.46
C VAL B 134 16.81 -14.14 15.63
N ARG B 135 17.35 -14.69 14.55
CA ARG B 135 17.81 -16.09 14.54
C ARG B 135 19.30 -16.19 14.83
N LYS B 136 19.65 -16.60 16.07
CA LYS B 136 21.04 -16.86 16.47
C LYS B 136 20.96 -17.89 17.61
N ASP B 137 20.72 -19.15 17.22
CA ASP B 137 20.26 -20.16 18.16
C ASP B 137 21.29 -20.51 19.24
N GLU B 138 22.56 -20.16 19.06
CA GLU B 138 23.57 -20.49 20.06
C GLU B 138 23.55 -19.57 21.28
N ASN B 139 22.88 -18.42 21.20
CA ASN B 139 22.76 -17.51 22.33
C ASN B 139 21.33 -17.47 22.86
N GLN B 140 21.20 -17.25 24.18
CA GLN B 140 19.91 -17.07 24.84
C GLN B 140 19.36 -15.65 24.76
N PHE B 141 20.15 -14.72 24.25
CA PHE B 141 19.82 -13.32 24.10
C PHE B 141 19.93 -12.97 22.61
N SER B 142 19.35 -11.84 22.22
CA SER B 142 19.19 -11.50 20.79
C SER B 142 19.75 -10.13 20.48
N TYR B 143 20.66 -10.05 19.51
CA TYR B 143 21.22 -8.78 19.07
C TYR B 143 20.36 -8.13 17.99
N VAL B 144 20.14 -6.83 18.15
CA VAL B 144 19.42 -6.01 17.16
C VAL B 144 20.21 -4.73 16.99
N ASP B 145 20.22 -4.18 15.76
CA ASP B 145 20.81 -2.86 15.56
C ASP B 145 20.03 -2.03 14.54
N SER B 146 20.48 -0.78 14.38
CA SER B 146 19.74 0.20 13.60
C SER B 146 19.63 -0.18 12.13
N SER B 147 20.60 -0.91 11.60
CA SER B 147 20.63 -1.08 10.15
C SER B 147 20.10 -2.43 9.68
N MET B 148 19.81 -3.34 10.60
CA MET B 148 19.29 -4.64 10.22
C MET B 148 18.01 -4.52 9.40
N THR B 149 17.98 -5.24 8.29
CA THR B 149 16.79 -5.24 7.44
C THR B 149 15.86 -6.37 7.81
N THR B 150 14.62 -6.27 7.34
CA THR B 150 13.63 -7.30 7.56
C THR B 150 13.53 -8.22 6.35
N VAL B 151 12.96 -9.42 6.57
CA VAL B 151 12.74 -10.36 5.47
C VAL B 151 11.97 -9.69 4.33
N GLN B 152 10.90 -8.96 4.65
CA GLN B 152 10.14 -8.28 3.60
C GLN B 152 10.99 -7.24 2.88
N GLU B 153 11.81 -6.50 3.63
CA GLU B 153 12.70 -5.52 3.01
C GLU B 153 13.69 -6.20 2.06
N ASN B 154 14.14 -7.42 2.41
CA ASN B 154 15.13 -8.14 1.61
C ASN B 154 14.52 -8.76 0.35
N GLU B 155 13.20 -8.95 0.32
CA GLU B 155 12.54 -9.45 -0.88
C GLU B 155 12.32 -8.33 -1.90
N LEU B 156 12.17 -7.09 -1.44
CA LEU B 156 11.97 -5.95 -2.33
C LEU B 156 13.27 -5.19 -2.55
N SER B 161 21.67 -7.56 2.41
CA SER B 161 20.91 -8.69 1.89
C SER B 161 21.42 -10.02 2.48
N ASP B 162 22.09 -9.93 3.64
CA ASP B 162 22.61 -11.12 4.30
C ASP B 162 21.52 -11.75 5.17
N PRO B 163 20.97 -12.90 4.80
CA PRO B 163 19.81 -13.42 5.53
C PRO B 163 20.09 -13.78 6.99
N ALA B 164 21.34 -14.03 7.36
CA ALA B 164 21.66 -14.41 8.73
C ALA B 164 21.50 -13.26 9.70
N HIS B 165 21.49 -12.03 9.21
CA HIS B 165 21.47 -10.81 10.01
C HIS B 165 20.17 -10.04 9.82
N SER B 166 19.05 -10.75 9.67
CA SER B 166 17.79 -10.14 9.28
C SER B 166 16.76 -10.29 10.40
N LEU B 167 15.74 -9.44 10.33
CA LEU B 167 14.62 -9.49 11.27
C LEU B 167 13.48 -10.24 10.57
N ASN B 168 13.20 -11.45 11.03
N ASN B 168 13.19 -11.44 11.06
CA ASN B 168 12.18 -12.30 10.42
CA ASN B 168 12.20 -12.31 10.44
C ASN B 168 10.79 -11.99 10.96
C ASN B 168 10.78 -11.99 10.96
N TYR B 169 10.36 -10.74 10.77
CA TYR B 169 8.99 -10.40 11.09
C TYR B 169 8.04 -11.11 10.09
N THR B 170 6.81 -11.30 10.51
CA THR B 170 5.79 -11.90 9.65
C THR B 170 5.45 -10.94 8.52
N VAL B 171 5.55 -11.42 7.27
CA VAL B 171 5.34 -10.53 6.13
C VAL B 171 3.85 -10.19 5.99
N ILE B 172 3.56 -8.90 5.92
CA ILE B 172 2.20 -8.37 5.70
C ILE B 172 2.23 -7.53 4.43
N ASN B 173 1.37 -7.87 3.47
CA ASN B 173 1.35 -7.15 2.20
C ASN B 173 -0.09 -7.15 1.70
N PHE B 174 -0.70 -5.97 1.71
CA PHE B 174 -2.11 -5.85 1.37
C PHE B 174 -2.43 -6.17 -0.09
N LYS B 175 -1.48 -6.12 -0.99
CA LYS B 175 -1.70 -6.42 -2.41
C LYS B 175 -0.87 -7.65 -2.75
N SER B 176 -1.24 -8.77 -2.13
CA SER B 176 -0.60 -10.06 -2.32
C SER B 176 -1.68 -11.13 -2.37
N ARG B 177 -1.37 -12.25 -3.00
CA ARG B 177 -2.34 -13.34 -3.04
C ARG B 177 -2.66 -13.85 -1.65
N GLU B 178 -1.73 -13.75 -0.69
CA GLU B 178 -2.08 -14.19 0.66
C GLU B 178 -3.19 -13.35 1.26
N ALA B 179 -3.26 -12.07 0.92
CA ALA B 179 -4.23 -11.18 1.52
C ALA B 179 -5.59 -11.16 0.81
N ILE B 180 -5.71 -11.75 -0.38
CA ILE B 180 -6.86 -11.52 -1.26
C ILE B 180 -7.28 -12.88 -1.80
N ARG B 181 -8.46 -13.33 -1.41
CA ARG B 181 -9.00 -14.58 -1.94
C ARG B 181 -9.44 -14.38 -3.39
N PRO B 182 -9.02 -15.23 -4.30
CA PRO B 182 -9.62 -15.22 -5.64
C PRO B 182 -11.13 -15.22 -5.54
N GLY B 183 -11.77 -14.35 -6.33
CA GLY B 183 -13.20 -14.18 -6.26
C GLY B 183 -13.71 -13.23 -5.20
N HIS B 184 -12.86 -12.83 -4.25
CA HIS B 184 -13.26 -11.88 -3.23
C HIS B 184 -12.38 -10.64 -3.26
N GLU B 185 -11.98 -10.21 -4.46
CA GLU B 185 -11.01 -9.13 -4.59
C GLU B 185 -11.48 -7.83 -3.90
N MET B 186 -12.64 -7.29 -4.28
CA MET B 186 -13.07 -6.03 -3.67
C MET B 186 -13.30 -6.21 -2.19
N GLU B 187 -14.03 -7.26 -1.83
CA GLU B 187 -14.34 -7.52 -0.44
C GLU B 187 -13.07 -7.55 0.41
N ASP B 188 -12.09 -8.36 0.00
CA ASP B 188 -10.91 -8.58 0.84
C ASP B 188 -9.99 -7.36 0.85
N PHE B 189 -10.00 -6.57 -0.22
CA PHE B 189 -9.11 -5.40 -0.24
C PHE B 189 -9.70 -4.25 0.59
N LEU B 190 -11.02 -4.08 0.56
CA LEU B 190 -11.63 -3.01 1.33
C LEU B 190 -11.91 -3.38 2.78
N ASP B 191 -12.04 -4.67 3.08
CA ASP B 191 -12.30 -5.18 4.44
C ASP B 191 -11.26 -6.27 4.67
N LYS B 192 -10.24 -5.99 5.48
CA LYS B 192 -9.16 -6.95 5.64
C LYS B 192 -9.44 -8.04 6.68
N SER B 193 -10.71 -8.26 7.07
CA SER B 193 -11.01 -9.20 8.14
C SER B 193 -10.54 -10.63 7.85
N TYR B 194 -10.65 -11.10 6.61
N TYR B 194 -10.72 -11.10 6.60
N TYR B 194 -10.68 -11.10 6.60
CA TYR B 194 -10.22 -12.47 6.35
CA TYR B 194 -10.21 -12.41 6.19
CA TYR B 194 -10.22 -12.44 6.29
C TYR B 194 -8.70 -12.59 6.45
C TYR B 194 -8.74 -12.52 6.51
C TYR B 194 -8.71 -12.56 6.48
N TYR B 195 -7.96 -11.55 6.02
CA TYR B 195 -6.52 -11.59 6.18
C TYR B 195 -6.14 -11.55 7.65
N LEU B 196 -6.79 -10.70 8.43
CA LEU B 196 -6.48 -10.62 9.86
C LEU B 196 -6.86 -11.90 10.59
N ASN B 197 -8.11 -12.35 10.45
CA ASN B 197 -8.63 -13.38 11.35
C ASN B 197 -8.29 -14.80 10.91
N THR B 198 -8.42 -15.10 9.62
CA THR B 198 -8.13 -16.44 9.13
C THR B 198 -6.66 -16.65 8.82
N VAL B 199 -6.08 -15.77 7.99
CA VAL B 199 -4.70 -15.95 7.56
C VAL B 199 -3.74 -15.70 8.70
N MET B 200 -3.85 -14.53 9.33
CA MET B 200 -2.83 -14.14 10.31
C MET B 200 -3.11 -14.73 11.69
N LEU B 201 -4.30 -14.49 12.25
CA LEU B 201 -4.54 -14.92 13.64
C LEU B 201 -4.72 -16.45 13.74
N GLN B 202 -5.66 -17.00 12.97
N GLN B 202 -5.65 -17.01 12.97
CA GLN B 202 -5.88 -18.45 13.04
CA GLN B 202 -5.86 -18.46 13.07
C GLN B 202 -4.71 -19.22 12.46
C GLN B 202 -4.70 -19.22 12.45
N GLY B 203 -4.20 -18.76 11.32
CA GLY B 203 -3.18 -19.47 10.58
C GLY B 203 -1.74 -19.35 11.05
N ILE B 204 -1.25 -18.12 11.25
CA ILE B 204 0.16 -17.88 11.46
C ILE B 204 0.48 -17.64 12.92
N PHE B 205 -0.18 -16.65 13.54
CA PHE B 205 0.12 -16.30 14.93
C PHE B 205 -0.51 -17.24 15.94
N LYS B 206 -1.60 -17.91 15.54
CA LYS B 206 -2.37 -18.81 16.40
C LYS B 206 -3.26 -18.08 17.40
N ASN B 207 -2.85 -16.90 17.92
CA ASN B 207 -3.71 -16.17 18.84
C ASN B 207 -3.29 -14.70 18.85
N SER B 208 -4.15 -13.87 19.44
CA SER B 208 -3.89 -12.43 19.42
C SER B 208 -2.70 -12.07 20.29
N SER B 209 -2.40 -12.85 21.32
CA SER B 209 -1.26 -12.51 22.18
C SER B 209 0.06 -12.56 21.39
N ASN B 210 0.25 -13.59 20.56
CA ASN B 210 1.44 -13.63 19.73
C ASN B 210 1.48 -12.46 18.74
N TYR B 211 0.33 -12.09 18.18
CA TYR B 211 0.27 -10.96 17.24
C TYR B 211 0.67 -9.67 17.94
N PHE B 212 0.10 -9.43 19.12
CA PHE B 212 0.46 -8.22 19.86
C PHE B 212 1.91 -8.24 20.32
N GLY B 213 2.45 -9.40 20.68
CA GLY B 213 3.84 -9.48 21.04
C GLY B 213 4.76 -9.01 19.92
N GLU B 214 4.47 -9.43 18.68
CA GLU B 214 5.32 -9.01 17.57
C GLU B 214 5.16 -7.53 17.27
N LEU B 215 3.91 -7.02 17.37
CA LEU B 215 3.64 -5.59 17.22
C LEU B 215 4.42 -4.78 18.26
N GLN B 216 4.41 -5.22 19.54
CA GLN B 216 5.13 -4.50 20.59
C GLN B 216 6.62 -4.55 20.39
N PHE B 217 7.17 -5.71 19.97
CA PHE B 217 8.60 -5.85 19.71
C PHE B 217 9.02 -4.97 18.54
N ALA B 218 8.21 -4.92 17.49
CA ALA B 218 8.52 -4.05 16.36
C ALA B 218 8.61 -2.59 16.80
N PHE B 219 7.64 -2.13 17.60
CA PHE B 219 7.67 -0.75 18.07
C PHE B 219 8.94 -0.47 18.85
N LEU B 220 9.29 -1.36 19.78
CA LEU B 220 10.42 -1.12 20.66
C LEU B 220 11.72 -1.07 19.85
N ASN B 221 11.85 -1.91 18.81
CA ASN B 221 13.05 -1.86 17.99
CA ASN B 221 13.04 -1.88 17.95
C ASN B 221 13.10 -0.59 17.15
N ALA B 222 11.94 -0.10 16.67
CA ALA B 222 11.93 1.19 16.00
C ALA B 222 12.35 2.29 16.95
N MET B 223 11.80 2.30 18.16
CA MET B 223 12.10 3.40 19.09
C MET B 223 13.53 3.34 19.60
N PHE B 224 13.99 2.18 20.05
CA PHE B 224 15.30 2.12 20.71
C PHE B 224 16.47 2.11 19.71
N PHE B 225 16.27 1.61 18.49
CA PHE B 225 17.39 1.54 17.52
C PHE B 225 17.20 2.42 16.30
N GLY B 226 16.07 3.08 16.17
CA GLY B 226 15.75 3.74 14.91
C GLY B 226 15.73 2.78 13.75
N ASN B 227 15.25 1.57 13.95
CA ASN B 227 15.25 0.56 12.91
C ASN B 227 14.02 0.76 12.02
N TYR B 228 14.27 1.14 10.77
CA TYR B 228 13.20 1.55 9.87
C TYR B 228 12.24 0.41 9.54
N GLY B 229 12.76 -0.79 9.20
CA GLY B 229 11.88 -1.90 8.87
C GLY B 229 10.98 -2.30 10.02
N SER B 230 11.48 -2.13 11.25
CA SER B 230 10.63 -2.36 12.42
C SER B 230 9.49 -1.37 12.50
N SER B 231 9.76 -0.10 12.18
CA SER B 231 8.69 0.88 12.13
C SER B 231 7.66 0.52 11.06
N LEU B 232 8.12 0.10 9.88
CA LEU B 232 7.16 -0.34 8.87
C LEU B 232 6.26 -1.47 9.38
N GLN B 233 6.84 -2.45 10.08
CA GLN B 233 6.06 -3.59 10.57
C GLN B 233 5.04 -3.18 11.62
N TRP B 234 5.46 -2.32 12.55
CA TRP B 234 4.56 -1.81 13.58
C TRP B 234 3.34 -1.16 12.93
N HIS B 235 3.57 -0.26 11.97
CA HIS B 235 2.46 0.41 11.30
C HIS B 235 1.60 -0.56 10.51
N ALA B 236 2.19 -1.54 9.83
CA ALA B 236 1.41 -2.51 9.07
C ALA B 236 0.50 -3.34 9.98
N MET B 237 0.99 -3.70 11.17
CA MET B 237 0.15 -4.52 12.05
C MET B 237 -0.99 -3.71 12.68
N ILE B 238 -0.78 -2.42 12.92
CA ILE B 238 -1.88 -1.53 13.32
C ILE B 238 -2.87 -1.41 12.17
N GLU B 239 -2.38 -1.10 10.97
CA GLU B 239 -3.31 -0.86 9.87
C GLU B 239 -4.13 -2.10 9.55
N LEU B 240 -3.55 -3.28 9.69
CA LEU B 240 -4.30 -4.50 9.38
C LEU B 240 -5.53 -4.65 10.30
N ILE B 241 -5.36 -4.39 11.60
CA ILE B 241 -6.50 -4.40 12.51
C ILE B 241 -7.49 -3.30 12.18
N CYS B 242 -7.00 -2.07 11.99
CA CYS B 242 -7.93 -0.94 11.86
C CYS B 242 -8.75 -1.02 10.59
N SER B 243 -8.16 -1.63 9.53
CA SER B 243 -8.78 -1.83 8.23
C SER B 243 -9.66 -3.07 8.15
N SER B 244 -9.96 -3.71 9.28
CA SER B 244 -10.82 -4.88 9.34
C SER B 244 -12.15 -4.50 9.97
N ALA B 245 -13.25 -4.88 9.33
CA ALA B 245 -14.56 -4.58 9.91
C ALA B 245 -14.90 -5.49 11.09
N THR B 246 -14.34 -6.69 11.13
CA THR B 246 -14.71 -7.71 12.11
C THR B 246 -13.45 -8.00 12.92
N VAL B 247 -13.41 -7.51 14.15
CA VAL B 247 -12.31 -7.77 15.07
C VAL B 247 -12.91 -8.08 16.43
N PRO B 248 -12.48 -9.14 17.10
CA PRO B 248 -12.97 -9.40 18.47
C PRO B 248 -12.84 -8.18 19.39
N LYS B 249 -13.87 -7.96 20.21
CA LYS B 249 -13.93 -6.74 21.02
C LYS B 249 -12.74 -6.68 21.97
N HIS B 250 -12.33 -7.82 22.50
CA HIS B 250 -11.22 -7.80 23.45
C HIS B 250 -9.93 -7.36 22.78
N MET B 251 -9.77 -7.65 21.49
CA MET B 251 -8.57 -7.22 20.78
C MET B 251 -8.58 -5.72 20.57
N LEU B 252 -9.73 -5.16 20.21
CA LEU B 252 -9.79 -3.72 20.00
C LEU B 252 -9.47 -2.98 21.28
N ASP B 253 -10.02 -3.45 22.41
CA ASP B 253 -9.77 -2.78 23.68
C ASP B 253 -8.32 -2.91 24.09
N LYS B 254 -7.73 -4.08 23.85
CA LYS B 254 -6.33 -4.25 24.18
C LYS B 254 -5.45 -3.41 23.26
N LEU B 255 -5.75 -3.35 21.95
CA LEU B 255 -4.95 -2.52 21.06
C LEU B 255 -4.94 -1.06 21.51
N ASP B 256 -6.10 -0.54 21.93
CA ASP B 256 -6.15 0.84 22.42
C ASP B 256 -5.19 1.05 23.58
N GLU B 257 -5.13 0.10 24.50
CA GLU B 257 -4.20 0.21 25.62
C GLU B 257 -2.75 0.14 25.13
N ILE B 258 -2.46 -0.83 24.25
CA ILE B 258 -1.10 -1.00 23.74
C ILE B 258 -0.60 0.28 23.08
N LEU B 259 -1.39 0.82 22.16
CA LEU B 259 -0.95 2.01 21.44
C LEU B 259 -0.86 3.23 22.36
N TYR B 260 -1.78 3.37 23.31
CA TYR B 260 -1.73 4.50 24.22
C TYR B 260 -0.36 4.59 24.91
N TYR B 261 0.10 3.47 25.48
CA TYR B 261 1.38 3.50 26.18
C TYR B 261 2.57 3.65 25.24
N GLN B 262 2.47 3.17 23.99
CA GLN B 262 3.52 3.43 23.02
C GLN B 262 3.59 4.91 22.69
N ILE B 263 2.44 5.52 22.41
CA ILE B 263 2.45 6.94 22.08
C ILE B 263 2.87 7.78 23.29
N LYS B 264 2.51 7.31 24.50
CA LYS B 264 2.91 8.03 25.72
C LYS B 264 4.43 8.04 25.89
N THR B 265 5.09 6.94 25.52
CA THR B 265 6.51 6.78 25.80
C THR B 265 7.37 7.38 24.70
N LEU B 266 6.84 7.56 23.49
CA LEU B 266 7.65 8.02 22.36
C LEU B 266 8.27 9.37 22.67
N PRO B 267 9.57 9.55 22.44
CA PRO B 267 10.14 10.90 22.55
C PRO B 267 9.41 11.88 21.65
N GLU B 268 9.03 13.00 22.23
CA GLU B 268 8.29 14.01 21.47
C GLU B 268 9.06 14.43 20.23
N GLN B 269 10.38 14.54 20.35
CA GLN B 269 11.20 15.07 19.26
C GLN B 269 11.52 14.02 18.19
N TYR B 270 11.15 12.76 18.40
CA TYR B 270 11.32 11.72 17.39
C TYR B 270 10.03 11.42 16.63
N SER B 271 9.00 12.24 16.80
CA SER B 271 7.71 11.93 16.18
C SER B 271 7.75 12.06 14.67
N ASP B 272 8.50 13.05 14.15
CA ASP B 272 8.55 13.25 12.70
C ASP B 272 9.05 12.02 11.97
N ILE B 273 9.85 11.18 12.63
CA ILE B 273 10.45 10.03 11.98
C ILE B 273 9.85 8.69 12.42
N LEU B 274 9.13 8.66 13.55
CA LEU B 274 8.60 7.40 14.08
C LEU B 274 7.12 7.18 13.81
N LEU B 275 6.40 8.18 13.28
CA LEU B 275 4.95 8.11 13.11
C LEU B 275 4.62 8.41 11.66
N ASN B 276 3.85 7.53 11.03
CA ASN B 276 3.45 7.66 9.63
C ASN B 276 2.11 8.38 9.57
N GLU B 277 2.11 9.61 9.05
CA GLU B 277 0.89 10.41 9.00
C GLU B 277 -0.24 9.68 8.30
N ARG B 278 0.02 9.11 7.11
CA ARG B 278 -1.05 8.44 6.38
C ARG B 278 -1.68 7.36 7.22
N VAL B 279 -0.87 6.50 7.83
CA VAL B 279 -1.44 5.38 8.57
C VAL B 279 -2.27 5.89 9.75
N TRP B 280 -1.75 6.87 10.48
CA TRP B 280 -2.43 7.27 11.72
C TRP B 280 -3.72 8.02 11.41
N ASN B 281 -3.70 8.92 10.42
CA ASN B 281 -4.92 9.61 10.04
C ASN B 281 -5.95 8.65 9.51
N ILE B 282 -5.53 7.68 8.69
CA ILE B 282 -6.47 6.65 8.21
C ILE B 282 -7.03 5.87 9.39
N CYS B 283 -6.16 5.41 10.30
CA CYS B 283 -6.63 4.53 11.37
C CYS B 283 -7.57 5.27 12.32
N LEU B 284 -7.23 6.50 12.68
CA LEU B 284 -8.03 7.22 13.65
C LEU B 284 -9.28 7.84 13.07
N TYR B 285 -9.29 8.20 11.79
CA TYR B 285 -10.38 9.02 11.27
C TYR B 285 -11.15 8.42 10.11
N SER B 286 -10.61 7.44 9.38
CA SER B 286 -11.33 6.87 8.24
C SER B 286 -11.66 5.38 8.38
N SER B 287 -10.91 4.62 9.16
CA SER B 287 -11.01 3.17 9.14
C SER B 287 -12.28 2.66 9.82
N PHE B 288 -12.54 1.36 9.62
CA PHE B 288 -13.64 0.70 10.33
C PHE B 288 -13.54 0.97 11.82
N GLN B 289 -12.34 1.02 12.36
CA GLN B 289 -12.16 1.11 13.80
C GLN B 289 -11.89 2.53 14.27
N LYS B 290 -12.27 3.53 13.47
CA LYS B 290 -11.99 4.93 13.79
C LYS B 290 -12.59 5.39 15.11
N ASN B 291 -13.59 4.68 15.64
CA ASN B 291 -14.25 5.05 16.89
C ASN B 291 -13.98 4.05 18.00
N SER B 292 -13.05 3.12 17.79
CA SER B 292 -12.76 2.05 18.73
C SER B 292 -11.48 2.28 19.52
N LEU B 293 -10.76 3.36 19.25
CA LEU B 293 -9.48 3.59 19.90
C LEU B 293 -9.51 4.90 20.68
N HIS B 294 -10.39 4.99 21.66
CA HIS B 294 -10.65 6.28 22.28
C HIS B 294 -9.44 6.81 23.03
N ASN B 295 -8.72 5.95 23.75
CA ASN B 295 -7.60 6.43 24.54
C ASN B 295 -6.46 6.88 23.64
N THR B 296 -6.18 6.10 22.59
CA THR B 296 -5.11 6.43 21.66
C THR B 296 -5.42 7.70 20.91
N GLU B 297 -6.66 7.83 20.44
CA GLU B 297 -7.07 9.05 19.76
C GLU B 297 -6.89 10.26 20.67
N LYS B 298 -7.27 10.15 21.95
CA LYS B 298 -7.15 11.32 22.83
C LYS B 298 -5.69 11.71 23.06
N ILE B 299 -4.81 10.74 23.32
CA ILE B 299 -3.41 11.12 23.53
C ILE B 299 -2.79 11.63 22.23
N MET B 300 -3.09 11.00 21.10
CA MET B 300 -2.54 11.48 19.83
C MET B 300 -2.95 12.93 19.55
N GLU B 301 -4.23 13.27 19.76
CA GLU B 301 -4.69 14.63 19.47
C GLU B 301 -4.11 15.65 20.44
N ASN B 302 -3.81 15.26 21.68
CA ASN B 302 -3.27 16.23 22.64
C ASN B 302 -1.76 16.33 22.59
N LYS B 303 -1.08 15.31 22.09
CA LYS B 303 0.38 15.28 22.08
C LYS B 303 0.98 15.57 20.71
N TYR B 304 0.34 15.12 19.63
CA TYR B 304 0.87 15.28 18.28
C TYR B 304 -0.23 15.78 17.34
N PRO B 305 -0.85 16.93 17.65
CA PRO B 305 -1.95 17.41 16.79
C PRO B 305 -1.50 17.84 15.41
N GLU B 306 -0.20 18.14 15.24
CA GLU B 306 0.30 18.54 13.93
C GLU B 306 0.25 17.38 12.94
N LEU B 307 0.61 16.18 13.41
CA LEU B 307 0.56 15.02 12.54
C LEU B 307 -0.81 14.82 11.93
N LEU B 308 -1.85 15.30 12.59
CA LEU B 308 -3.20 15.00 12.17
C LEU B 308 -3.90 16.22 11.59
C7 VTW C . -26.62 13.81 -41.60
C8 VTW C . -27.35 12.81 -41.06
C9 VTW C . -27.36 11.30 -41.21
O1 VTW C . -26.72 10.88 -42.13
C1 VTW C . -25.18 18.00 -41.58
C5 VTW C . -27.31 18.60 -40.82
C6 VTW C . -27.15 14.97 -40.96
C4 VTW C . -27.67 17.29 -40.75
C3 VTW C . -26.77 16.32 -41.08
C2 VTW C . -25.52 16.66 -41.51
O2 VTW C . -28.00 10.69 -40.36
O VTW C . -28.23 13.32 -40.21
N VTW C . -28.12 14.62 -40.14
C VTW C . -26.06 18.97 -41.24
#